data_6YCW
#
_entry.id   6YCW
#
_cell.length_a   80.870
_cell.length_b   102.193
_cell.length_c   103.525
_cell.angle_alpha   90.000
_cell.angle_beta   90.000
_cell.angle_gamma   90.000
#
_symmetry.space_group_name_H-M   'I 2 2 2'
#
loop_
_entity.id
_entity.type
_entity.pdbx_description
1 polymer 'Mitogen-activated protein kinase 14'
2 non-polymer 4-(4-FLUOROPHENYL)-1-(4-PIPERIDINYL)-5-(2-AMINO-4-PYRIMIDINYL)-IMIDAZOLE
3 non-polymer 'CALCIUM ION'
4 non-polymer ~{N}-[3-[2,5-bis(oxidanylidene)pyrrol-1-yl]phenyl]furan-2-carboxamide
5 water water
#
_entity_poly.entity_id   1
_entity_poly.type   'polypeptide(L)'
_entity_poly.pdbx_seq_one_letter_code
;MSQERPTFYRQELNKTIWEVPERYQNLSPVGSGAYGSVCAAFDTKTGHRVAVKKLSRPFQSIIHAKRTYRELRLLKHMKH
ENVIGLLDVFTPARSLEEFNDVYLVTHLMGADLNNIVKCQKLTDDHVQFLIYQILRGLKYIHSADIIHRDLKPSNLAVNE
DSELKILDFGLARHTDDEMTGYVATRWYRAPEIMLNWMHYNQTVDIWSVGCIMAELLTGRTLFPGTDHIDQLKLILRLVG
TPGAELLKKISSESARNYIQSLAQMPKMNFANVFIGANPLAVDLLEKMLVLDSDKRITAAQALAHAYFAQYHDPDDEPVA
DPYDQSFESRDLLIDEWKSLTYDEVISFVPPPLDQEEMES
;
_entity_poly.pdbx_strand_id   A
#
loop_
_chem_comp.id
_chem_comp.type
_chem_comp.name
_chem_comp.formula
CA non-polymer 'CALCIUM ION' 'Ca 2'
OL8 non-polymer ~{N}-[3-[2,5-bis(oxidanylidene)pyrrol-1-yl]phenyl]furan-2-carboxamide 'C15 H10 N2 O4'
SB4 non-polymer 4-(4-FLUOROPHENYL)-1-(4-PIPERIDINYL)-5-(2-AMINO-4-PYRIMIDINYL)-IMIDAZOLE 'C18 H19 F N6'
#
# COMPACT_ATOMS: atom_id res chain seq x y z
N PRO A 6 26.18 19.29 -6.55
CA PRO A 6 25.07 20.02 -7.17
C PRO A 6 24.71 21.28 -6.42
N THR A 7 24.22 22.28 -7.14
CA THR A 7 23.69 23.48 -6.50
C THR A 7 22.28 23.19 -6.00
N PHE A 8 22.02 23.55 -4.76
CA PHE A 8 20.69 23.44 -4.20
C PHE A 8 20.02 24.81 -4.22
N TYR A 9 18.70 24.81 -4.18
CA TYR A 9 17.94 26.03 -4.01
C TYR A 9 16.85 25.78 -2.98
N ARG A 10 16.30 26.87 -2.47
CA ARG A 10 15.30 26.81 -1.41
C ARG A 10 13.97 27.31 -1.95
N GLN A 11 12.89 26.67 -1.53
CA GLN A 11 11.55 27.10 -1.90
C GLN A 11 10.60 26.75 -0.78
N GLU A 12 9.74 27.68 -0.42
CA GLU A 12 8.76 27.41 0.63
C GLU A 12 7.59 26.66 0.01
N LEU A 13 7.35 25.45 0.50
CA LEU A 13 6.26 24.62 0.02
C LEU A 13 5.58 24.03 1.24
N ASN A 14 4.26 24.08 1.28
CA ASN A 14 3.49 23.59 2.42
C ASN A 14 3.97 24.25 3.72
N LYS A 15 4.24 25.55 3.64
CA LYS A 15 4.61 26.37 4.80
C LYS A 15 5.97 26.03 5.39
N THR A 16 6.83 25.32 4.66
CA THR A 16 8.17 25.02 5.14
C THR A 16 9.19 25.10 4.00
N ILE A 17 10.45 25.29 4.38
CA ILE A 17 11.50 25.40 3.37
C ILE A 17 11.88 24.02 2.88
N TRP A 18 11.80 23.83 1.56
CA TRP A 18 12.41 22.68 0.90
C TRP A 18 13.73 23.14 0.30
N GLU A 19 14.74 22.27 0.36
CA GLU A 19 16.06 22.56 -0.21
C GLU A 19 16.38 21.40 -1.14
N VAL A 20 16.39 21.66 -2.44
CA VAL A 20 16.49 20.57 -3.42
C VAL A 20 17.53 20.88 -4.49
N PRO A 21 18.12 19.85 -5.09
CA PRO A 21 19.07 20.08 -6.18
C PRO A 21 18.40 20.78 -7.35
N GLU A 22 19.18 21.61 -8.05
CA GLU A 22 18.69 22.32 -9.23
C GLU A 22 18.14 21.37 -10.28
N ARG A 23 18.56 20.11 -10.25
CA ARG A 23 18.03 19.11 -11.15
C ARG A 23 16.50 19.04 -11.11
N TYR A 24 15.91 19.25 -9.94
CA TYR A 24 14.46 19.10 -9.79
C TYR A 24 13.81 20.49 -9.82
N GLN A 25 12.91 20.68 -10.78
CA GLN A 25 12.33 21.99 -11.02
C GLN A 25 10.81 21.94 -10.96
N ASN A 26 10.21 23.13 -10.83
CA ASN A 26 8.77 23.32 -10.86
C ASN A 26 8.05 22.48 -9.79
N LEU A 27 8.54 22.59 -8.56
CA LEU A 27 7.95 21.81 -7.48
C LEU A 27 6.55 22.33 -7.17
N SER A 28 5.61 21.42 -6.98
CA SER A 28 4.30 21.85 -6.52
C SER A 28 3.65 20.77 -5.68
N PRO A 29 2.96 21.15 -4.61
CA PRO A 29 2.49 20.15 -3.64
C PRO A 29 1.39 19.25 -4.19
N VAL A 30 1.51 17.95 -3.87
CA VAL A 30 0.51 16.95 -4.27
C VAL A 30 0.09 16.08 -3.10
N GLY A 31 0.27 16.59 -1.87
CA GLY A 31 -0.32 15.96 -0.71
C GLY A 31 0.70 15.36 0.23
N SER A 32 0.17 14.85 1.34
CA SER A 32 0.99 14.23 2.37
C SER A 32 1.17 12.75 2.06
N GLY A 33 2.30 12.21 2.50
CA GLY A 33 2.51 10.78 2.56
C GLY A 33 2.84 10.41 3.99
N ALA A 34 3.14 9.13 4.19
CA ALA A 34 3.45 8.66 5.53
C ALA A 34 4.69 9.38 6.05
N TYR A 35 4.53 10.15 7.13
CA TYR A 35 5.63 10.82 7.79
C TYR A 35 6.33 11.88 6.93
N GLY A 36 5.62 12.44 5.95
CA GLY A 36 6.23 13.42 5.07
C GLY A 36 5.17 14.01 4.17
N SER A 37 5.60 14.98 3.36
CA SER A 37 4.74 15.62 2.37
C SER A 37 5.43 15.55 1.01
N VAL A 38 4.63 15.64 -0.05
CA VAL A 38 5.09 15.28 -1.40
C VAL A 38 4.85 16.43 -2.37
N CYS A 39 5.81 16.62 -3.28
CA CYS A 39 5.67 17.60 -4.34
C CYS A 39 5.92 16.90 -5.67
N ALA A 40 5.17 17.28 -6.69
CA ALA A 40 5.52 16.89 -8.04
C ALA A 40 6.65 17.80 -8.53
N ALA A 41 7.49 17.26 -9.40
CA ALA A 41 8.62 18.02 -9.92
C ALA A 41 9.00 17.51 -11.31
N PHE A 42 9.78 18.31 -12.01
CA PHE A 42 10.34 17.96 -13.31
C PHE A 42 11.82 17.68 -13.12
N ASP A 43 12.25 16.47 -13.48
CA ASP A 43 13.64 16.07 -13.41
C ASP A 43 14.33 16.50 -14.70
N THR A 44 15.15 17.56 -14.63
CA THR A 44 15.76 18.10 -15.84
C THR A 44 16.85 17.20 -16.40
N LYS A 45 17.32 16.22 -15.64
CA LYS A 45 18.34 15.31 -16.16
C LYS A 45 17.75 14.36 -17.17
N THR A 46 16.53 13.90 -16.94
CA THR A 46 15.90 12.87 -17.76
C THR A 46 14.62 13.33 -18.46
N GLY A 47 14.15 14.53 -18.18
CA GLY A 47 12.86 14.97 -18.70
C GLY A 47 11.68 14.23 -18.14
N HIS A 48 11.84 13.49 -17.05
CA HIS A 48 10.75 12.72 -16.47
C HIS A 48 10.11 13.50 -15.33
N ARG A 49 8.83 13.22 -15.09
CA ARG A 49 8.12 13.80 -13.97
C ARG A 49 8.32 12.91 -12.76
N VAL A 50 8.61 13.53 -11.62
CA VAL A 50 8.89 12.78 -10.40
C VAL A 50 8.07 13.31 -9.25
N ALA A 51 8.01 12.52 -8.19
CA ALA A 51 7.43 12.94 -6.93
C ALA A 51 8.53 12.93 -5.89
N VAL A 52 8.66 14.03 -5.16
CA VAL A 52 9.69 14.19 -4.13
C VAL A 52 8.98 14.27 -2.77
N LYS A 53 9.31 13.35 -1.87
CA LYS A 53 8.78 13.35 -0.51
C LYS A 53 9.85 13.89 0.43
N LYS A 54 9.50 14.94 1.17
CA LYS A 54 10.36 15.46 2.23
C LYS A 54 9.89 14.85 3.54
N LEU A 55 10.74 14.06 4.17
CA LEU A 55 10.35 13.46 5.45
C LEU A 55 10.19 14.53 6.51
N SER A 56 9.16 14.38 7.33
CA SER A 56 8.85 15.33 8.38
C SER A 56 9.66 15.00 9.63
N ARG A 57 10.55 15.91 10.02
CA ARG A 57 11.31 15.78 11.26
C ARG A 57 11.89 14.37 11.42
N PRO A 58 12.72 13.93 10.47
CA PRO A 58 13.10 12.51 10.45
C PRO A 58 13.90 12.05 11.65
N PHE A 59 14.56 12.95 12.38
CA PHE A 59 15.40 12.54 13.51
C PHE A 59 15.00 13.24 14.80
N GLN A 60 13.74 13.64 14.91
CA GLN A 60 13.24 14.37 16.08
C GLN A 60 13.17 13.49 17.33
N SER A 61 13.09 12.17 17.15
CA SER A 61 12.92 11.22 18.23
C SER A 61 13.41 9.87 17.76
N ILE A 62 13.53 8.94 18.70
CA ILE A 62 13.92 7.59 18.36
C ILE A 62 12.86 6.91 17.49
N ILE A 63 11.59 7.30 17.65
CA ILE A 63 10.54 6.77 16.79
C ILE A 63 10.73 7.25 15.37
N HIS A 64 10.92 8.57 15.20
CA HIS A 64 11.10 9.11 13.86
C HIS A 64 12.38 8.57 13.22
N ALA A 65 13.45 8.47 14.01
CA ALA A 65 14.74 8.09 13.44
C ALA A 65 14.70 6.66 12.90
N LYS A 66 14.12 5.73 13.66
CA LYS A 66 14.07 4.36 13.17
C LYS A 66 13.08 4.24 12.01
N ARG A 67 12.00 5.00 12.05
CA ARG A 67 11.02 5.01 10.97
C ARG A 67 11.65 5.52 9.68
N THR A 68 12.52 6.53 9.79
CA THR A 68 13.22 7.05 8.63
C THR A 68 14.12 5.99 8.01
N TYR A 69 14.93 5.33 8.85
CA TYR A 69 15.77 4.25 8.40
C TYR A 69 14.94 3.13 7.78
N ARG A 70 13.87 2.74 8.46
CA ARG A 70 13.00 1.67 7.94
C ARG A 70 12.50 2.02 6.56
N GLU A 71 12.01 3.24 6.37
CA GLU A 71 11.41 3.63 5.09
C GLU A 71 12.47 3.67 3.99
N LEU A 72 13.65 4.22 4.29
CA LEU A 72 14.69 4.30 3.28
C LEU A 72 15.18 2.90 2.89
N ARG A 73 15.37 2.02 3.87
CA ARG A 73 15.81 0.66 3.58
C ARG A 73 14.78 -0.06 2.73
N LEU A 74 13.50 0.07 3.09
CA LEU A 74 12.44 -0.59 2.36
C LEU A 74 12.37 -0.08 0.93
N LEU A 75 12.39 1.25 0.76
CA LEU A 75 12.23 1.78 -0.59
C LEU A 75 13.44 1.49 -1.46
N LYS A 76 14.63 1.40 -0.86
CA LYS A 76 15.80 1.03 -1.63
C LYS A 76 15.74 -0.41 -2.10
N HIS A 77 15.02 -1.26 -1.40
CA HIS A 77 14.92 -2.67 -1.76
C HIS A 77 13.84 -2.94 -2.80
N MET A 78 12.81 -2.12 -2.87
CA MET A 78 11.63 -2.38 -3.70
C MET A 78 11.94 -2.06 -5.16
N LYS A 79 11.97 -3.10 -6.00
CA LYS A 79 12.26 -2.95 -7.44
C LYS A 79 11.22 -3.76 -8.23
N HIS A 80 10.03 -3.17 -8.37
CA HIS A 80 8.90 -3.85 -8.99
C HIS A 80 7.99 -2.81 -9.60
N GLU A 81 7.45 -3.11 -10.79
CA GLU A 81 6.67 -2.09 -11.50
C GLU A 81 5.37 -1.71 -10.81
N ASN A 82 4.87 -2.51 -9.86
CA ASN A 82 3.64 -2.20 -9.14
C ASN A 82 3.90 -1.83 -7.68
N VAL A 83 5.11 -1.38 -7.37
CA VAL A 83 5.49 -1.04 -6.00
C VAL A 83 6.32 0.23 -6.07
N ILE A 84 6.03 1.20 -5.20
CA ILE A 84 6.82 2.42 -5.18
C ILE A 84 8.25 2.06 -4.81
N GLY A 85 9.20 2.56 -5.60
CA GLY A 85 10.61 2.43 -5.34
C GLY A 85 11.30 3.76 -5.60
N LEU A 86 12.63 3.78 -5.64
CA LEU A 86 13.37 5.02 -5.57
C LEU A 86 14.11 5.30 -6.87
N LEU A 87 13.94 6.51 -7.40
CA LEU A 87 14.80 7.03 -8.44
C LEU A 87 15.99 7.77 -7.86
N ASP A 88 15.84 8.35 -6.66
CA ASP A 88 16.87 9.19 -6.07
C ASP A 88 16.54 9.37 -4.60
N VAL A 89 17.58 9.67 -3.84
CA VAL A 89 17.42 10.10 -2.45
C VAL A 89 18.51 11.12 -2.20
N PHE A 90 18.15 12.23 -1.57
CA PHE A 90 19.12 13.30 -1.40
C PHE A 90 18.91 14.02 -0.08
N THR A 91 19.95 14.77 0.31
CA THR A 91 19.91 15.61 1.48
C THR A 91 20.76 16.83 1.16
N PRO A 92 20.36 18.02 1.62
CA PRO A 92 21.23 19.19 1.47
C PRO A 92 22.44 19.14 2.38
N ALA A 93 22.49 18.19 3.32
CA ALA A 93 23.61 18.12 4.25
C ALA A 93 24.90 17.77 3.52
N ARG A 94 25.98 18.45 3.90
CA ARG A 94 27.28 18.16 3.35
C ARG A 94 28.06 17.14 4.18
N SER A 95 27.55 16.76 5.35
CA SER A 95 28.21 15.81 6.22
C SER A 95 27.17 15.28 7.19
N LEU A 96 27.55 14.19 7.87
CA LEU A 96 26.68 13.62 8.89
C LEU A 96 26.33 14.63 9.97
N GLU A 97 27.26 15.53 10.30
CA GLU A 97 27.05 16.49 11.36
C GLU A 97 25.95 17.49 11.03
N GLU A 98 25.77 17.81 9.74
CA GLU A 98 24.72 18.70 9.26
C GLU A 98 23.44 17.97 8.89
N PHE A 99 23.41 16.66 9.04
CA PHE A 99 22.36 15.84 8.42
C PHE A 99 21.09 15.88 9.25
N ASN A 100 20.04 16.50 8.70
CA ASN A 100 18.76 16.56 9.40
C ASN A 100 17.55 16.48 8.47
N ASP A 101 17.74 16.29 7.17
CA ASP A 101 16.64 16.27 6.23
C ASP A 101 16.87 15.20 5.17
N VAL A 102 15.80 14.51 4.77
CA VAL A 102 15.86 13.40 3.83
C VAL A 102 14.75 13.59 2.82
N TYR A 103 15.09 13.50 1.54
CA TYR A 103 14.12 13.61 0.46
C TYR A 103 14.22 12.36 -0.40
N LEU A 104 13.05 11.78 -0.70
CA LEU A 104 12.95 10.55 -1.47
C LEU A 104 12.25 10.87 -2.79
N VAL A 105 12.74 10.31 -3.89
CA VAL A 105 12.24 10.63 -5.22
C VAL A 105 11.75 9.35 -5.89
N THR A 106 10.55 9.40 -6.49
CA THR A 106 10.02 8.28 -7.26
C THR A 106 9.33 8.83 -8.50
N HIS A 107 8.96 7.95 -9.42
N HIS A 107 8.90 7.93 -9.37
CA HIS A 107 8.26 8.44 -10.59
CA HIS A 107 8.18 8.32 -10.56
C HIS A 107 6.89 8.98 -10.19
C HIS A 107 6.85 8.96 -10.18
N LEU A 108 6.48 10.05 -10.86
CA LEU A 108 5.24 10.74 -10.52
C LEU A 108 4.02 9.91 -10.91
N MET A 109 3.10 9.74 -9.97
CA MET A 109 1.81 9.12 -10.20
C MET A 109 0.74 10.15 -9.85
N GLY A 110 -0.20 10.37 -10.77
CA GLY A 110 -1.05 11.55 -10.67
C GLY A 110 -2.14 11.46 -9.60
N ALA A 111 -2.55 10.26 -9.22
CA ALA A 111 -3.79 10.10 -8.46
C ALA A 111 -3.68 8.91 -7.52
N ASP A 112 -4.76 8.64 -6.81
CA ASP A 112 -4.92 7.38 -6.09
C ASP A 112 -6.14 6.66 -6.62
N LEU A 113 -6.38 5.46 -6.10
CA LEU A 113 -7.45 4.63 -6.67
C LEU A 113 -8.81 5.27 -6.50
N ASN A 114 -9.00 6.08 -5.45
CA ASN A 114 -10.25 6.81 -5.30
C ASN A 114 -10.52 7.74 -6.48
N ASN A 115 -9.48 8.23 -7.14
N ASN A 115 -9.46 8.24 -7.13
CA ASN A 115 -9.72 9.07 -8.31
CA ASN A 115 -9.56 9.13 -8.28
C ASN A 115 -10.22 8.27 -9.50
C ASN A 115 -9.37 8.43 -9.62
N ILE A 116 -9.98 6.95 -9.51
N ILE A 116 -9.61 7.12 -9.68
CA ILE A 116 -10.34 6.12 -10.66
CA ILE A 116 -9.33 6.36 -10.91
C ILE A 116 -11.81 5.71 -10.62
C ILE A 116 -10.10 6.95 -12.07
N VAL A 117 -12.27 5.26 -9.45
N VAL A 117 -9.40 7.18 -13.19
CA VAL A 117 -13.60 4.66 -9.34
CA VAL A 117 -10.03 7.73 -14.38
C VAL A 117 -14.68 5.66 -8.97
C VAL A 117 -10.95 6.68 -14.99
N LYS A 118 -14.32 6.89 -8.60
N LYS A 118 -12.15 7.12 -15.38
CA LYS A 118 -15.29 7.84 -8.10
CA LYS A 118 -13.17 6.21 -15.89
C LYS A 118 -16.32 8.21 -9.18
C LYS A 118 -14.19 7.03 -16.66
N CYS A 119 -15.85 8.77 -10.29
N CYS A 119 -15.02 6.33 -17.42
CA CYS A 119 -16.73 9.32 -11.31
CA CYS A 119 -16.11 6.93 -18.17
C CYS A 119 -16.77 8.48 -12.58
C CYS A 119 -17.40 6.43 -17.54
N GLN A 120 -16.50 7.18 -12.47
N GLN A 120 -17.92 7.21 -16.59
CA GLN A 120 -16.41 6.32 -13.64
CA GLN A 120 -19.02 6.81 -15.72
C GLN A 120 -16.97 4.95 -13.30
C GLN A 120 -18.62 5.64 -14.82
N LYS A 121 -17.93 4.49 -14.10
N LYS A 121 -18.82 4.42 -15.28
CA LYS A 121 -18.38 3.10 -14.04
CA LYS A 121 -18.52 3.23 -14.50
C LYS A 121 -17.33 2.27 -14.76
C LYS A 121 -17.32 2.50 -15.08
N LEU A 122 -16.49 1.59 -14.00
N LEU A 122 -16.66 1.70 -14.23
CA LEU A 122 -15.39 0.83 -14.60
CA LEU A 122 -15.52 0.90 -14.66
C LEU A 122 -15.92 -0.41 -15.30
C LEU A 122 -16.01 -0.35 -15.37
N THR A 123 -15.32 -0.72 -16.45
CA THR A 123 -15.60 -1.99 -17.08
C THR A 123 -14.94 -3.11 -16.28
N ASP A 124 -15.45 -4.33 -16.48
CA ASP A 124 -14.85 -5.47 -15.81
C ASP A 124 -13.41 -5.71 -16.26
N ASP A 125 -13.12 -5.46 -17.54
CA ASP A 125 -11.74 -5.62 -18.02
C ASP A 125 -10.80 -4.65 -17.31
N HIS A 126 -11.30 -3.46 -16.99
CA HIS A 126 -10.48 -2.45 -16.31
C HIS A 126 -10.31 -2.82 -14.84
N VAL A 127 -11.37 -3.29 -14.20
CA VAL A 127 -11.26 -3.76 -12.82
C VAL A 127 -10.25 -4.88 -12.72
N GLN A 128 -10.30 -5.84 -13.65
CA GLN A 128 -9.31 -6.90 -13.68
C GLN A 128 -7.90 -6.33 -13.67
N PHE A 129 -7.65 -5.35 -14.53
CA PHE A 129 -6.31 -4.80 -14.64
C PHE A 129 -5.86 -4.16 -13.33
N LEU A 130 -6.75 -3.38 -12.70
CA LEU A 130 -6.40 -2.71 -11.45
C LEU A 130 -6.09 -3.71 -10.34
N ILE A 131 -6.97 -4.70 -10.16
CA ILE A 131 -6.77 -5.67 -9.09
C ILE A 131 -5.56 -6.56 -9.40
N TYR A 132 -5.38 -6.93 -10.66
CA TYR A 132 -4.21 -7.71 -11.07
C TYR A 132 -2.92 -7.03 -10.62
N GLN A 133 -2.84 -5.72 -10.85
CA GLN A 133 -1.62 -4.99 -10.51
C GLN A 133 -1.40 -4.96 -9.00
N ILE A 134 -2.46 -4.74 -8.22
CA ILE A 134 -2.31 -4.80 -6.76
C ILE A 134 -1.74 -6.15 -6.36
N LEU A 135 -2.30 -7.23 -6.90
CA LEU A 135 -1.88 -8.56 -6.52
C LEU A 135 -0.46 -8.85 -6.97
N ARG A 136 -0.06 -8.32 -8.12
CA ARG A 136 1.31 -8.53 -8.57
C ARG A 136 2.29 -7.85 -7.63
N GLY A 137 1.98 -6.62 -7.22
CA GLY A 137 2.82 -5.94 -6.24
C GLY A 137 2.84 -6.65 -4.90
N LEU A 138 1.70 -7.16 -4.45
CA LEU A 138 1.66 -7.86 -3.16
C LEU A 138 2.45 -9.16 -3.22
N LYS A 139 2.37 -9.90 -4.33
CA LYS A 139 3.18 -11.11 -4.44
C LYS A 139 4.65 -10.78 -4.20
N TYR A 140 5.11 -9.69 -4.79
CA TYR A 140 6.49 -9.26 -4.63
C TYR A 140 6.80 -8.89 -3.18
N ILE A 141 6.02 -7.99 -2.58
CA ILE A 141 6.36 -7.58 -1.22
C ILE A 141 6.22 -8.76 -0.25
N HIS A 142 5.18 -9.57 -0.40
CA HIS A 142 5.00 -10.71 0.50
C HIS A 142 6.16 -11.68 0.40
N SER A 143 6.74 -11.84 -0.80
CA SER A 143 7.86 -12.74 -0.97
C SER A 143 9.10 -12.28 -0.21
N ALA A 144 9.21 -11.00 0.12
CA ALA A 144 10.28 -10.50 0.98
C ALA A 144 9.87 -10.43 2.45
N ASP A 145 8.77 -11.08 2.82
CA ASP A 145 8.25 -11.06 4.19
C ASP A 145 7.96 -9.64 4.66
N ILE A 146 7.41 -8.84 3.74
CA ILE A 146 6.91 -7.52 4.04
C ILE A 146 5.39 -7.56 3.84
N ILE A 147 4.66 -7.07 4.83
CA ILE A 147 3.20 -6.99 4.78
C ILE A 147 2.82 -5.51 4.77
N HIS A 148 1.74 -5.18 4.06
CA HIS A 148 1.28 -3.79 4.09
C HIS A 148 0.56 -3.48 5.40
N ARG A 149 -0.50 -4.24 5.71
CA ARG A 149 -1.30 -4.13 6.92
C ARG A 149 -2.32 -3.00 6.89
N ASP A 150 -2.23 -2.04 5.98
CA ASP A 150 -3.23 -0.98 5.90
C ASP A 150 -3.48 -0.64 4.45
N LEU A 151 -3.63 -1.67 3.62
CA LEU A 151 -3.90 -1.47 2.20
C LEU A 151 -5.30 -0.91 2.01
N LYS A 152 -5.43 0.08 1.13
CA LYS A 152 -6.68 0.81 0.92
C LYS A 152 -6.50 1.67 -0.33
N PRO A 153 -7.60 2.19 -0.90
CA PRO A 153 -7.45 2.96 -2.15
C PRO A 153 -6.48 4.13 -2.06
N SER A 154 -6.42 4.81 -0.91
CA SER A 154 -5.53 5.96 -0.78
C SER A 154 -4.08 5.58 -0.67
N ASN A 155 -3.77 4.28 -0.52
CA ASN A 155 -2.40 3.78 -0.54
C ASN A 155 -2.07 3.07 -1.86
N LEU A 156 -2.87 3.32 -2.89
CA LEU A 156 -2.58 2.81 -4.23
C LEU A 156 -2.45 4.00 -5.16
N ALA A 157 -1.22 4.28 -5.59
CA ALA A 157 -0.98 5.38 -6.49
C ALA A 157 -1.23 4.93 -7.92
N VAL A 158 -1.93 5.75 -8.69
CA VAL A 158 -2.34 5.42 -10.04
C VAL A 158 -1.99 6.57 -10.96
N ASN A 159 -1.54 6.26 -12.17
CA ASN A 159 -1.28 7.31 -13.13
C ASN A 159 -2.43 7.42 -14.14
N GLU A 160 -2.24 8.25 -15.16
CA GLU A 160 -3.31 8.55 -16.11
C GLU A 160 -3.60 7.39 -17.04
N ASP A 161 -2.77 6.34 -17.05
CA ASP A 161 -3.04 5.14 -17.84
C ASP A 161 -3.42 3.96 -16.96
N SER A 162 -3.86 4.23 -15.73
CA SER A 162 -4.34 3.21 -14.80
C SER A 162 -3.26 2.26 -14.36
N GLU A 163 -1.99 2.62 -14.55
CA GLU A 163 -0.92 1.84 -13.95
C GLU A 163 -0.84 2.20 -12.48
N LEU A 164 -0.61 1.18 -11.66
CA LEU A 164 -0.81 1.30 -10.22
C LEU A 164 0.44 0.85 -9.46
N LYS A 165 0.69 1.51 -8.32
CA LYS A 165 1.77 1.10 -7.43
C LYS A 165 1.31 1.14 -5.98
N ILE A 166 1.71 0.14 -5.23
CA ILE A 166 1.43 0.09 -3.79
C ILE A 166 2.42 0.98 -3.07
N LEU A 167 1.93 1.76 -2.11
CA LEU A 167 2.86 2.54 -1.31
C LEU A 167 2.44 2.52 0.14
N ASP A 168 3.35 3.02 0.97
CA ASP A 168 3.17 3.09 2.42
C ASP A 168 3.00 1.70 3.04
N PHE A 169 3.63 0.69 2.44
CA PHE A 169 3.64 -0.67 2.98
C PHE A 169 4.76 -0.79 4.01
N GLY A 170 4.60 -1.78 4.90
CA GLY A 170 5.69 -2.14 5.80
C GLY A 170 6.06 -1.08 6.81
N LEU A 171 5.16 -0.15 7.07
CA LEU A 171 5.41 0.91 8.05
C LEU A 171 4.47 0.78 9.24
N TYR A 182 -4.65 12.72 13.00
CA TYR A 182 -4.95 11.93 11.81
C TYR A 182 -5.83 10.74 12.14
N VAL A 183 -6.96 10.63 11.44
CA VAL A 183 -7.91 9.53 11.61
C VAL A 183 -7.96 8.76 10.30
N ALA A 184 -7.56 7.50 10.33
CA ALA A 184 -7.52 6.70 9.12
C ALA A 184 -8.80 5.90 8.94
N THR A 185 -9.14 5.65 7.67
N THR A 185 -9.15 5.64 7.68
CA THR A 185 -10.20 4.70 7.34
CA THR A 185 -10.27 4.75 7.46
C THR A 185 -9.81 3.31 7.81
C THR A 185 -9.88 3.31 7.73
N ARG A 186 -10.78 2.59 8.39
CA ARG A 186 -10.58 1.20 8.74
C ARG A 186 -11.41 0.27 7.86
N TRP A 187 -12.12 0.81 6.88
CA TRP A 187 -13.08 0.04 6.11
C TRP A 187 -12.44 -1.08 5.31
N TYR A 188 -11.15 -1.01 5.04
CA TYR A 188 -10.45 -2.01 4.23
C TYR A 188 -9.54 -2.89 5.05
N ARG A 189 -9.47 -2.69 6.36
CA ARG A 189 -8.52 -3.41 7.20
C ARG A 189 -9.00 -4.83 7.44
N ALA A 190 -8.05 -5.76 7.49
CA ALA A 190 -8.40 -7.14 7.77
C ALA A 190 -8.98 -7.22 9.18
N PRO A 191 -9.99 -8.06 9.40
CA PRO A 191 -10.56 -8.18 10.75
C PRO A 191 -9.52 -8.46 11.81
N GLU A 192 -8.52 -9.28 11.50
CA GLU A 192 -7.49 -9.62 12.49
C GLU A 192 -6.64 -8.42 12.87
N ILE A 193 -6.48 -7.46 11.96
CA ILE A 193 -5.74 -6.23 12.25
C ILE A 193 -6.61 -5.25 13.01
N MET A 194 -7.81 -5.00 12.49
CA MET A 194 -8.71 -4.02 13.09
C MET A 194 -9.05 -4.36 14.53
N LEU A 195 -9.12 -5.65 14.85
CA LEU A 195 -9.55 -6.11 16.16
C LEU A 195 -8.41 -6.64 17.01
N ASN A 196 -7.16 -6.51 16.56
CA ASN A 196 -5.98 -6.83 17.36
C ASN A 196 -5.93 -8.32 17.73
N TRP A 197 -6.16 -9.18 16.75
CA TRP A 197 -6.03 -10.60 17.01
C TRP A 197 -4.57 -10.99 17.15
N MET A 198 -4.33 -12.11 17.83
CA MET A 198 -2.99 -12.40 18.35
C MET A 198 -2.00 -12.73 17.25
N HIS A 199 -2.46 -13.37 16.17
CA HIS A 199 -1.57 -13.74 15.08
C HIS A 199 -2.26 -13.48 13.75
N TYR A 200 -1.44 -13.18 12.74
CA TYR A 200 -1.96 -12.96 11.40
C TYR A 200 -0.83 -13.21 10.42
N ASN A 201 -1.19 -13.40 9.16
CA ASN A 201 -0.20 -13.67 8.12
C ASN A 201 -0.32 -12.62 7.02
N GLN A 202 0.41 -12.86 5.93
CA GLN A 202 0.45 -11.92 4.83
C GLN A 202 -0.93 -11.72 4.20
N THR A 203 -1.84 -12.69 4.37
CA THR A 203 -3.14 -12.56 3.73
C THR A 203 -4.02 -11.49 4.37
N VAL A 204 -3.57 -10.79 5.43
CA VAL A 204 -4.30 -9.60 5.83
C VAL A 204 -4.50 -8.67 4.63
N ASP A 205 -3.50 -8.58 3.77
CA ASP A 205 -3.61 -7.67 2.64
C ASP A 205 -4.60 -8.17 1.60
N ILE A 206 -4.85 -9.48 1.55
CA ILE A 206 -5.80 -10.04 0.59
C ILE A 206 -7.22 -9.68 0.99
N TRP A 207 -7.53 -9.65 2.29
CA TRP A 207 -8.82 -9.12 2.72
C TRP A 207 -9.03 -7.72 2.17
N SER A 208 -8.00 -6.88 2.27
CA SER A 208 -8.12 -5.52 1.79
C SER A 208 -8.39 -5.48 0.29
N VAL A 209 -7.69 -6.33 -0.47
CA VAL A 209 -7.94 -6.42 -1.91
C VAL A 209 -9.40 -6.78 -2.17
N GLY A 210 -9.93 -7.74 -1.41
CA GLY A 210 -11.34 -8.08 -1.61
C GLY A 210 -12.26 -6.90 -1.38
N CYS A 211 -11.97 -6.12 -0.34
CA CYS A 211 -12.77 -4.94 -0.02
C CYS A 211 -12.68 -3.91 -1.14
N ILE A 212 -11.48 -3.70 -1.67
CA ILE A 212 -11.28 -2.77 -2.77
C ILE A 212 -11.97 -3.26 -4.04
N MET A 213 -11.78 -4.54 -4.37
CA MET A 213 -12.37 -5.07 -5.59
C MET A 213 -13.89 -4.99 -5.54
N ALA A 214 -14.47 -5.35 -4.40
CA ALA A 214 -15.92 -5.25 -4.23
C ALA A 214 -16.41 -3.84 -4.54
N GLU A 215 -15.74 -2.83 -4.00
CA GLU A 215 -16.13 -1.45 -4.23
C GLU A 215 -15.96 -1.04 -5.69
N LEU A 216 -14.94 -1.56 -6.38
CA LEU A 216 -14.80 -1.25 -7.80
C LEU A 216 -15.93 -1.85 -8.61
N LEU A 217 -16.51 -2.97 -8.15
CA LEU A 217 -17.58 -3.61 -8.91
C LEU A 217 -18.94 -3.01 -8.63
N THR A 218 -19.18 -2.54 -7.41
CA THR A 218 -20.48 -2.03 -7.01
C THR A 218 -20.57 -0.52 -6.96
N GLY A 219 -19.43 0.17 -6.89
CA GLY A 219 -19.47 1.60 -6.68
C GLY A 219 -19.80 2.05 -5.27
N ARG A 220 -19.79 1.16 -4.28
CA ARG A 220 -19.94 1.63 -2.91
C ARG A 220 -19.12 0.77 -1.97
N THR A 221 -18.80 1.36 -0.82
CA THR A 221 -17.97 0.69 0.18
C THR A 221 -18.63 -0.58 0.64
N LEU A 222 -17.83 -1.65 0.74
CA LEU A 222 -18.36 -2.94 1.14
C LEU A 222 -18.75 -2.95 2.63
N PHE A 223 -17.88 -2.47 3.50
CA PHE A 223 -18.11 -2.50 4.96
C PHE A 223 -17.92 -1.11 5.56
N PRO A 224 -18.86 -0.19 5.33
CA PRO A 224 -18.69 1.19 5.84
C PRO A 224 -19.11 1.34 7.30
N GLY A 225 -18.40 0.66 8.19
CA GLY A 225 -18.77 0.68 9.60
C GLY A 225 -18.45 2.02 10.27
N THR A 226 -19.33 2.44 11.17
CA THR A 226 -19.12 3.67 11.93
C THR A 226 -18.12 3.51 13.06
N ASP A 227 -17.93 2.29 13.56
CA ASP A 227 -16.93 2.00 14.58
C ASP A 227 -16.53 0.54 14.39
N HIS A 228 -15.60 0.07 15.22
CA HIS A 228 -15.08 -1.28 15.01
C HIS A 228 -16.15 -2.35 15.25
N ILE A 229 -17.10 -2.10 16.15
CA ILE A 229 -18.15 -3.08 16.38
C ILE A 229 -19.17 -3.09 15.24
N ASP A 230 -19.56 -1.89 14.77
CA ASP A 230 -20.45 -1.81 13.62
C ASP A 230 -19.80 -2.41 12.38
N GLN A 231 -18.49 -2.18 12.21
CA GLN A 231 -17.81 -2.78 11.06
C GLN A 231 -17.78 -4.30 11.15
N LEU A 232 -17.52 -4.83 12.35
CA LEU A 232 -17.55 -6.28 12.53
C LEU A 232 -18.92 -6.85 12.19
N LYS A 233 -19.98 -6.20 12.65
CA LYS A 233 -21.34 -6.66 12.36
C LYS A 233 -21.61 -6.66 10.86
N LEU A 234 -21.16 -5.63 10.15
CA LEU A 234 -21.34 -5.61 8.70
C LEU A 234 -20.58 -6.76 8.04
N ILE A 235 -19.37 -7.05 8.52
CA ILE A 235 -18.58 -8.13 7.96
C ILE A 235 -19.26 -9.47 8.18
N LEU A 236 -19.71 -9.72 9.42
CA LEU A 236 -20.35 -11.00 9.73
C LEU A 236 -21.65 -11.18 8.97
N ARG A 237 -22.35 -10.09 8.65
CA ARG A 237 -23.57 -10.19 7.85
C ARG A 237 -23.28 -10.75 6.46
N LEU A 238 -22.10 -10.47 5.90
CA LEU A 238 -21.76 -11.00 4.59
C LEU A 238 -21.18 -12.40 4.67
N VAL A 239 -20.21 -12.61 5.57
CA VAL A 239 -19.42 -13.83 5.57
C VAL A 239 -19.93 -14.87 6.56
N GLY A 240 -20.86 -14.51 7.41
CA GLY A 240 -21.40 -15.50 8.34
C GLY A 240 -20.65 -15.53 9.65
N THR A 241 -21.37 -15.97 10.68
CA THR A 241 -20.79 -16.14 12.00
C THR A 241 -19.64 -17.14 11.94
N PRO A 242 -18.51 -16.86 12.58
CA PRO A 242 -17.39 -17.78 12.56
C PRO A 242 -17.54 -18.86 13.63
N GLY A 243 -16.72 -19.87 13.50
CA GLY A 243 -16.71 -20.93 14.48
C GLY A 243 -15.93 -20.57 15.72
N ALA A 244 -16.07 -21.44 16.71
CA ALA A 244 -15.33 -21.28 17.95
C ALA A 244 -13.84 -21.22 17.71
N GLU A 245 -13.34 -21.95 16.70
CA GLU A 245 -11.90 -21.98 16.45
C GLU A 245 -11.34 -20.59 16.15
N LEU A 246 -12.17 -19.68 15.65
CA LEU A 246 -11.67 -18.34 15.40
C LEU A 246 -11.52 -17.53 16.70
N LEU A 247 -12.32 -17.83 17.72
CA LEU A 247 -12.13 -17.19 19.02
C LEU A 247 -10.75 -17.47 19.58
N LYS A 248 -10.15 -18.59 19.18
CA LYS A 248 -8.80 -18.96 19.59
C LYS A 248 -7.82 -17.81 19.38
N LYS A 249 -8.08 -16.95 18.38
CA LYS A 249 -7.17 -15.89 17.98
C LYS A 249 -7.32 -14.60 18.76
N ILE A 250 -8.31 -14.49 19.64
CA ILE A 250 -8.70 -13.22 20.24
C ILE A 250 -8.36 -13.26 21.73
N SER A 251 -7.51 -12.31 22.16
CA SER A 251 -7.07 -12.35 23.56
C SER A 251 -8.17 -11.91 24.53
N SER A 252 -8.86 -10.82 24.21
CA SER A 252 -9.77 -10.21 25.18
C SER A 252 -11.01 -11.07 25.39
N GLU A 253 -11.28 -11.42 26.65
CA GLU A 253 -12.47 -12.22 26.96
C GLU A 253 -13.74 -11.44 26.68
N SER A 254 -13.74 -10.14 26.98
CA SER A 254 -14.91 -9.30 26.67
C SER A 254 -15.22 -9.34 25.18
N ALA A 255 -14.19 -9.28 24.35
CA ALA A 255 -14.41 -9.33 22.90
C ALA A 255 -14.92 -10.69 22.46
N ARG A 256 -14.33 -11.77 22.97
CA ARG A 256 -14.80 -13.10 22.60
C ARG A 256 -16.22 -13.32 23.05
N ASN A 257 -16.54 -12.95 24.30
CA ASN A 257 -17.89 -13.11 24.81
C ASN A 257 -18.89 -12.37 23.95
N TYR A 258 -18.55 -11.16 23.54
CA TYR A 258 -19.45 -10.39 22.69
C TYR A 258 -19.70 -11.10 21.37
N ILE A 259 -18.63 -11.51 20.68
CA ILE A 259 -18.76 -12.15 19.38
C ILE A 259 -19.56 -13.44 19.51
N GLN A 260 -19.25 -14.23 20.54
CA GLN A 260 -19.98 -15.47 20.78
C GLN A 260 -21.45 -15.20 21.05
N SER A 261 -21.76 -14.05 21.63
CA SER A 261 -23.13 -13.72 22.02
C SER A 261 -23.98 -13.26 20.85
N LEU A 262 -23.37 -12.90 19.72
CA LEU A 262 -24.14 -12.38 18.60
C LEU A 262 -25.06 -13.45 18.04
N ALA A 263 -26.24 -13.02 17.59
CA ALA A 263 -27.14 -13.91 16.89
C ALA A 263 -26.45 -14.46 15.65
N GLN A 264 -26.61 -15.75 15.41
CA GLN A 264 -25.86 -16.40 14.34
C GLN A 264 -26.37 -15.94 12.97
N MET A 265 -25.44 -15.65 12.07
CA MET A 265 -25.81 -15.20 10.74
C MET A 265 -25.28 -16.17 9.70
N PRO A 266 -26.07 -16.50 8.69
CA PRO A 266 -25.57 -17.37 7.62
C PRO A 266 -24.63 -16.58 6.72
N LYS A 267 -23.69 -17.29 6.11
CA LYS A 267 -22.92 -16.69 5.04
C LYS A 267 -23.81 -16.40 3.85
N MET A 268 -23.65 -15.22 3.25
CA MET A 268 -24.39 -14.89 2.05
C MET A 268 -23.73 -15.53 0.83
N ASN A 269 -24.55 -15.95 -0.13
CA ASN A 269 -24.01 -16.33 -1.44
C ASN A 269 -23.62 -15.06 -2.17
N PHE A 270 -22.33 -14.92 -2.49
CA PHE A 270 -21.86 -13.67 -3.08
C PHE A 270 -22.50 -13.39 -4.44
N ALA A 271 -22.97 -14.44 -5.14
CA ALA A 271 -23.65 -14.23 -6.42
C ALA A 271 -24.94 -13.41 -6.23
N ASN A 272 -25.56 -13.53 -5.05
CA ASN A 272 -26.74 -12.75 -4.69
C ASN A 272 -26.39 -11.38 -4.15
N VAL A 273 -25.12 -11.08 -3.92
CA VAL A 273 -24.68 -9.79 -3.41
C VAL A 273 -24.16 -8.91 -4.54
N PHE A 274 -23.26 -9.45 -5.35
CA PHE A 274 -22.66 -8.71 -6.45
C PHE A 274 -23.42 -9.00 -7.75
N ILE A 275 -24.69 -8.58 -7.74
CA ILE A 275 -25.60 -8.86 -8.84
C ILE A 275 -25.04 -8.27 -10.13
N GLY A 276 -24.98 -9.09 -11.16
CA GLY A 276 -24.51 -8.66 -12.47
C GLY A 276 -23.01 -8.69 -12.67
N ALA A 277 -22.24 -9.10 -11.66
CA ALA A 277 -20.80 -9.15 -11.83
C ALA A 277 -20.40 -10.41 -12.60
N ASN A 278 -19.23 -10.32 -13.24
CA ASN A 278 -18.58 -11.46 -13.85
C ASN A 278 -18.53 -12.60 -12.84
N PRO A 279 -19.08 -13.78 -13.14
CA PRO A 279 -19.02 -14.88 -12.16
C PRO A 279 -17.61 -15.20 -11.68
N LEU A 280 -16.60 -14.96 -12.51
CA LEU A 280 -15.21 -15.15 -12.07
C LEU A 280 -14.82 -14.13 -11.01
N ALA A 281 -15.34 -12.91 -11.10
CA ALA A 281 -15.08 -11.92 -10.06
C ALA A 281 -15.70 -12.36 -8.76
N VAL A 282 -16.93 -12.87 -8.82
CA VAL A 282 -17.62 -13.33 -7.62
C VAL A 282 -16.82 -14.47 -6.98
N ASP A 283 -16.35 -15.41 -7.80
CA ASP A 283 -15.60 -16.53 -7.25
C ASP A 283 -14.32 -16.08 -6.56
N LEU A 284 -13.61 -15.12 -7.18
CA LEU A 284 -12.40 -14.61 -6.54
C LEU A 284 -12.72 -13.92 -5.22
N LEU A 285 -13.78 -13.11 -5.19
CA LEU A 285 -14.17 -12.45 -3.94
C LEU A 285 -14.45 -13.48 -2.84
N GLU A 286 -15.11 -14.58 -3.18
CA GLU A 286 -15.39 -15.61 -2.18
C GLU A 286 -14.10 -16.17 -1.58
N LYS A 287 -13.03 -16.20 -2.38
CA LYS A 287 -11.76 -16.75 -1.91
C LYS A 287 -10.94 -15.73 -1.12
N MET A 288 -11.20 -14.43 -1.29
CA MET A 288 -10.48 -13.39 -0.57
C MET A 288 -11.17 -13.00 0.72
N LEU A 289 -12.49 -12.90 0.70
CA LEU A 289 -13.24 -12.36 1.82
C LEU A 289 -13.70 -13.49 2.76
N VAL A 290 -12.71 -14.18 3.32
CA VAL A 290 -12.97 -15.19 4.33
C VAL A 290 -12.29 -14.79 5.63
N LEU A 291 -12.99 -15.05 6.75
CA LEU A 291 -12.44 -14.70 8.06
C LEU A 291 -11.24 -15.56 8.40
N ASP A 292 -11.29 -16.85 8.06
CA ASP A 292 -10.19 -17.77 8.33
C ASP A 292 -9.01 -17.37 7.45
N SER A 293 -8.06 -16.63 8.03
CA SER A 293 -6.93 -16.13 7.25
C SER A 293 -6.02 -17.25 6.77
N ASP A 294 -6.06 -18.43 7.38
CA ASP A 294 -5.29 -19.56 6.86
C ASP A 294 -5.96 -20.21 5.65
N LYS A 295 -7.23 -19.91 5.41
CA LYS A 295 -7.94 -20.37 4.23
C LYS A 295 -8.07 -19.29 3.17
N ARG A 296 -7.58 -18.09 3.44
CA ARG A 296 -7.63 -17.00 2.48
C ARG A 296 -6.63 -17.26 1.37
N ILE A 297 -7.03 -16.94 0.13
CA ILE A 297 -6.15 -17.09 -1.02
C ILE A 297 -4.96 -16.15 -0.88
N THR A 298 -3.80 -16.59 -1.35
CA THR A 298 -2.60 -15.76 -1.33
C THR A 298 -2.54 -14.94 -2.61
N ALA A 299 -1.65 -13.92 -2.60
CA ALA A 299 -1.48 -13.10 -3.80
C ALA A 299 -1.06 -13.95 -5.00
N ALA A 300 -0.09 -14.84 -4.80
CA ALA A 300 0.41 -15.65 -5.91
C ALA A 300 -0.68 -16.57 -6.44
N GLN A 301 -1.49 -17.15 -5.55
CA GLN A 301 -2.60 -17.97 -6.02
C GLN A 301 -3.65 -17.13 -6.75
N ALA A 302 -3.94 -15.93 -6.25
CA ALA A 302 -4.95 -15.10 -6.91
C ALA A 302 -4.52 -14.72 -8.32
N LEU A 303 -3.23 -14.54 -8.55
CA LEU A 303 -2.76 -14.16 -9.88
C LEU A 303 -3.04 -15.25 -10.92
N ALA A 304 -3.16 -16.50 -10.47
CA ALA A 304 -3.45 -17.63 -11.34
C ALA A 304 -4.94 -17.84 -11.56
N HIS A 305 -5.78 -17.09 -10.86
CA HIS A 305 -7.22 -17.23 -10.98
C HIS A 305 -7.69 -16.81 -12.37
N ALA A 306 -8.70 -17.51 -12.89
CA ALA A 306 -9.14 -17.27 -14.26
C ALA A 306 -9.67 -15.85 -14.48
N TYR A 307 -10.05 -15.14 -13.41
CA TYR A 307 -10.50 -13.77 -13.56
C TYR A 307 -9.45 -12.90 -14.24
N PHE A 308 -8.17 -13.23 -14.09
CA PHE A 308 -7.07 -12.44 -14.62
C PHE A 308 -6.44 -13.07 -15.85
N ALA A 309 -7.13 -14.02 -16.47
CA ALA A 309 -6.55 -14.81 -17.56
C ALA A 309 -5.93 -13.95 -18.64
N GLN A 310 -6.59 -12.85 -19.01
CA GLN A 310 -6.06 -12.02 -20.11
C GLN A 310 -4.81 -11.24 -19.72
N TYR A 311 -4.52 -11.09 -18.43
CA TYR A 311 -3.35 -10.35 -17.97
C TYR A 311 -2.23 -11.24 -17.43
N HIS A 312 -2.58 -12.41 -16.89
CA HIS A 312 -1.60 -13.24 -16.20
C HIS A 312 -0.44 -13.60 -17.11
N ASP A 313 0.77 -13.52 -16.57
CA ASP A 313 1.99 -13.84 -17.29
C ASP A 313 3.03 -14.23 -16.25
N PRO A 314 3.23 -15.54 -16.03
CA PRO A 314 4.17 -15.98 -14.99
C PRO A 314 5.59 -15.49 -15.17
N ASP A 315 6.01 -15.16 -16.40
CA ASP A 315 7.34 -14.61 -16.65
C ASP A 315 7.50 -13.18 -16.15
N ASP A 316 6.40 -12.53 -15.79
CA ASP A 316 6.40 -11.12 -15.46
C ASP A 316 5.69 -10.89 -14.13
N GLU A 317 5.76 -11.88 -13.24
CA GLU A 317 5.23 -11.78 -11.88
C GLU A 317 6.34 -12.14 -10.89
N PRO A 318 7.38 -11.33 -10.81
CA PRO A 318 8.58 -11.74 -10.07
C PRO A 318 8.44 -11.64 -8.56
N VAL A 319 9.34 -12.34 -7.88
CA VAL A 319 9.49 -12.23 -6.45
C VAL A 319 10.67 -11.31 -6.14
N ALA A 320 10.82 -10.97 -4.85
CA ALA A 320 11.84 -10.04 -4.40
C ALA A 320 13.12 -10.75 -3.98
N ASP A 321 14.22 -10.02 -4.05
CA ASP A 321 15.45 -10.48 -3.42
C ASP A 321 15.25 -10.54 -1.91
N PRO A 322 15.96 -11.42 -1.22
CA PRO A 322 15.82 -11.50 0.24
C PRO A 322 16.06 -10.15 0.89
N TYR A 323 15.26 -9.85 1.91
CA TYR A 323 15.29 -8.56 2.59
C TYR A 323 15.64 -8.79 4.05
N ASP A 324 16.74 -8.17 4.50
CA ASP A 324 17.23 -8.33 5.86
C ASP A 324 16.54 -7.32 6.78
N GLN A 325 15.61 -7.82 7.61
CA GLN A 325 14.87 -6.98 8.55
C GLN A 325 15.35 -7.14 9.99
N SER A 326 16.57 -7.63 10.18
CA SER A 326 17.06 -7.89 11.53
C SER A 326 17.13 -6.62 12.36
N PHE A 327 17.29 -5.46 11.71
CA PHE A 327 17.32 -4.19 12.44
C PHE A 327 16.03 -3.94 13.22
N GLU A 328 14.91 -4.56 12.83
CA GLU A 328 13.65 -4.24 13.46
C GLU A 328 13.64 -4.62 14.94
N SER A 329 14.39 -5.64 15.32
CA SER A 329 14.42 -6.07 16.72
C SER A 329 15.40 -5.28 17.58
N ARG A 330 16.17 -4.37 16.99
CA ARG A 330 17.24 -3.66 17.69
C ARG A 330 16.79 -2.29 18.16
N ASP A 331 17.15 -1.95 19.40
CA ASP A 331 17.06 -0.59 19.91
C ASP A 331 18.43 0.05 19.80
N LEU A 332 18.54 1.11 19.00
CA LEU A 332 19.77 1.89 18.85
C LEU A 332 19.50 3.33 19.26
N LEU A 333 20.58 4.08 19.49
CA LEU A 333 20.44 5.49 19.82
C LEU A 333 20.06 6.28 18.57
N ILE A 334 19.49 7.47 18.79
CA ILE A 334 19.05 8.30 17.66
C ILE A 334 20.20 8.54 16.69
N ASP A 335 21.39 8.84 17.21
CA ASP A 335 22.50 9.14 16.31
C ASP A 335 22.98 7.91 15.56
N GLU A 336 22.74 6.71 16.11
CA GLU A 336 23.08 5.50 15.39
C GLU A 336 22.12 5.27 14.22
N TRP A 337 20.81 5.43 14.45
CA TRP A 337 19.86 5.38 13.34
C TRP A 337 20.16 6.47 12.33
N LYS A 338 20.52 7.67 12.80
CA LYS A 338 20.83 8.76 11.88
C LYS A 338 22.02 8.42 11.00
N SER A 339 23.08 7.86 11.60
CA SER A 339 24.28 7.50 10.86
C SER A 339 24.01 6.37 9.88
N LEU A 340 23.24 5.37 10.31
CA LEU A 340 22.87 4.30 9.38
C LEU A 340 22.07 4.87 8.21
N THR A 341 21.15 5.79 8.50
CA THR A 341 20.37 6.42 7.44
C THR A 341 21.27 7.18 6.47
N TYR A 342 22.19 7.98 7.02
CA TYR A 342 23.15 8.69 6.19
C TYR A 342 23.92 7.73 5.28
N ASP A 343 24.38 6.60 5.83
CA ASP A 343 25.08 5.60 5.03
C ASP A 343 24.22 5.14 3.86
N GLU A 344 22.93 4.89 4.12
CA GLU A 344 22.02 4.43 3.06
C GLU A 344 21.78 5.51 2.02
N VAL A 345 21.71 6.78 2.44
CA VAL A 345 21.61 7.88 1.48
C VAL A 345 22.82 7.90 0.55
N ILE A 346 24.01 7.85 1.12
CA ILE A 346 25.25 8.01 0.36
C ILE A 346 25.48 6.82 -0.57
N SER A 347 25.05 5.63 -0.18
CA SER A 347 25.33 4.41 -0.93
C SER A 347 24.30 4.15 -2.01
N PHE A 348 23.25 4.97 -2.08
CA PHE A 348 22.18 4.70 -3.03
C PHE A 348 22.70 4.78 -4.45
N VAL A 349 22.34 3.78 -5.25
CA VAL A 349 22.70 3.71 -6.66
C VAL A 349 21.43 3.91 -7.47
N PRO A 350 21.30 4.98 -8.24
CA PRO A 350 20.11 5.17 -9.08
C PRO A 350 19.97 4.05 -10.09
N PRO A 351 18.76 3.57 -10.31
CA PRO A 351 18.53 2.56 -11.32
C PRO A 351 18.70 3.16 -12.71
N PRO A 352 18.93 2.32 -13.72
CA PRO A 352 18.89 2.83 -15.09
C PRO A 352 17.51 3.38 -15.40
N LEU A 353 17.48 4.36 -16.29
CA LEU A 353 16.21 4.95 -16.71
C LEU A 353 15.31 3.90 -17.36
N ASP A 354 15.89 3.04 -18.19
CA ASP A 354 15.16 1.96 -18.86
C ASP A 354 15.65 0.64 -18.28
N GLN A 355 14.81 -0.02 -17.47
CA GLN A 355 15.17 -1.30 -16.88
C GLN A 355 14.35 -2.47 -17.41
N GLU A 356 13.66 -2.29 -18.54
CA GLU A 356 12.74 -3.31 -19.03
C GLU A 356 13.06 -3.62 -20.47
N GLU A 357 12.71 -4.82 -20.90
CA GLU A 357 12.93 -5.26 -22.27
C GLU A 357 11.70 -5.98 -22.78
N MET A 358 11.50 -5.97 -24.10
CA MET A 358 10.36 -6.66 -24.69
C MET A 358 10.40 -8.13 -24.31
N GLU A 359 9.23 -8.71 -24.09
CA GLU A 359 9.14 -10.09 -23.60
C GLU A 359 9.56 -11.11 -24.64
CA1 SB4 B . 0.57 11.56 -2.35
CA2 SB4 B . -0.94 11.71 -2.28
NA3 SB4 B . -1.61 10.42 -2.45
CA4 SB4 B . -1.11 9.71 -3.64
CA5 SB4 B . 0.34 9.31 -3.46
CA6 SB4 B . 0.94 10.10 -2.31
CB1 SB4 B . 6.73 10.04 -3.01
CB2 SB4 B . 8.08 9.82 -3.23
CB3 SB4 B . 8.66 8.74 -2.64
CB4 SB4 B . 7.98 7.85 -1.86
CB5 SB4 B . 6.63 8.08 -1.64
CB6 SB4 B . 5.98 9.17 -2.21
FB7 SB4 B . 9.99 8.53 -2.88
CC1 SB4 B . 4.29 9.01 -5.13
CC2 SB4 B . 3.53 9.85 -4.32
NC3 SB4 B . 2.78 10.82 -4.84
CC4 SB4 B . 2.76 10.94 -6.20
NC5 SB4 B . 3.47 10.16 -7.04
CC6 SB4 B . 4.21 9.19 -6.49
NC7 SB4 B . 2.01 11.91 -6.71
ND1 SB4 B . 2.37 9.83 -2.05
CD2 SB4 B . 2.76 9.60 -0.77
ND3 SB4 B . 4.04 9.34 -0.69
CD4 SB4 B . 4.55 9.41 -1.98
CD5 SB4 B . 3.52 9.71 -2.85
CA CA C . 13.27 -0.98 -22.67
CA CA D . 3.32 -10.00 -20.69
CA CA E . 7.47 -14.73 -21.85
C2 OL8 F . -23.81 -2.70 -7.59
N1 OL8 F . -24.30 -0.91 -6.05
C1 OL8 F . -23.76 -4.06 -7.90
C3 OL8 F . -24.34 -2.29 -6.37
C4 OL8 F . -25.27 -0.16 -5.47
C5 OL8 F . -24.92 1.27 -5.33
C6 OL8 F . -25.29 3.36 -4.80
C7 OL8 F . -24.07 3.32 -5.29
C8 OL8 F . -23.80 1.97 -5.65
O2 OL8 F . -25.86 2.11 -4.80
O1 OL8 F . -26.35 -0.59 -5.11
C9 OL8 F . -24.87 -3.22 -5.49
N OL8 F . -23.13 -4.49 -9.10
C OL8 F . -22.12 -5.47 -9.15
O OL8 F . -21.71 -6.07 -8.16
C10 OL8 F . -24.85 -4.57 -5.82
C11 OL8 F . -24.30 -5.00 -7.02
C12 OL8 F . -23.41 -3.97 -10.37
C13 OL8 F . -22.52 -4.64 -11.37
C14 OL8 F . -21.68 -5.62 -10.57
O3 OL8 F . -24.25 -3.10 -10.57
#